data_4Z3C
#
_entry.id   4Z3C
#
_cell.length_a   27.616
_cell.length_b   54.744
_cell.length_c   40.228
_cell.angle_alpha   90.000
_cell.angle_beta   103.530
_cell.angle_gamma   90.000
#
_symmetry.space_group_name_H-M   'P 1 21 1'
#
loop_
_entity.id
_entity.type
_entity.pdbx_description
1 polymer "DNA (5'-D(*GP*CP*CP*AP*AP*CP*GP*TP*TP*GP*GP*C)-3')"
2 polymer 'Methylcytosine dioxygenase'
3 non-polymer 'UNKNOWN ATOM OR ION'
4 non-polymer 'ZINC ION'
5 water water
#
loop_
_entity_poly.entity_id
_entity_poly.type
_entity_poly.pdbx_seq_one_letter_code
_entity_poly.pdbx_strand_id
1 'polydeoxyribonucleotide' (DG)(DC)(DC)(DA)(DA)(DC)(DG)(DT)(DT)(DG)(DG)(DC) A,B
2 'polypeptide(L)' GGDGRKKRKRCGTCEPCRRLENCGACTSCTNRRTHQICKLRKCEVLKKKVGL C
#
# COMPACT_ATOMS: atom_id res chain seq x y z
C LYS C 6 9.50 4.96 11.93
N LYS C 7 8.67 3.96 12.04
CA LYS C 7 7.63 3.66 11.05
CA LYS C 7 7.63 3.80 11.04
C LYS C 7 6.24 4.15 11.50
N ARG C 8 5.54 4.82 10.62
CA ARG C 8 4.16 5.16 10.81
C ARG C 8 3.31 3.95 10.50
N LYS C 9 2.07 4.04 10.96
CA LYS C 9 1.07 3.05 10.74
C LYS C 9 0.05 3.51 9.73
N ARG C 10 -0.46 2.58 8.91
CA ARG C 10 -1.55 2.89 7.99
C ARG C 10 -2.79 3.43 8.72
N CYS C 11 -3.55 4.28 8.09
CA CYS C 11 -4.74 4.91 8.70
C CYS C 11 -5.90 3.89 8.85
N GLY C 12 -5.96 2.88 7.98
CA GLY C 12 -6.94 1.82 8.10
C GLY C 12 -8.28 2.10 7.42
N THR C 13 -8.53 3.38 7.01
CA THR C 13 -9.86 3.77 6.55
C THR C 13 -9.98 4.47 5.23
N CYS C 14 -8.84 4.84 4.63
CA CYS C 14 -8.85 5.36 3.30
C CYS C 14 -9.16 4.25 2.31
N GLU C 15 -9.50 4.63 1.06
CA GLU C 15 -9.91 3.67 0.10
C GLU C 15 -8.88 2.59 -0.11
N PRO C 16 -7.61 2.97 -0.33
CA PRO C 16 -6.59 1.94 -0.44
C PRO C 16 -6.51 1.03 0.80
N CYS C 17 -6.55 1.61 2.01
CA CYS C 17 -6.53 0.75 3.22
C CYS C 17 -7.64 -0.24 3.32
N ARG C 18 -8.80 0.10 2.83
CA ARG C 18 -9.97 -0.79 2.87
C ARG C 18 -9.85 -1.97 1.94
N ARG C 19 -9.00 -1.88 0.92
CA ARG C 19 -8.88 -2.97 -0.03
CA ARG C 19 -8.85 -2.99 -0.02
C ARG C 19 -8.27 -4.20 0.69
N LEU C 20 -8.76 -5.37 0.33
CA LEU C 20 -8.32 -6.62 0.91
C LEU C 20 -7.31 -7.37 0.01
N GLU C 21 -7.45 -7.22 -1.31
CA GLU C 21 -6.67 -8.02 -2.24
C GLU C 21 -5.51 -7.24 -2.85
N ASN C 22 -4.36 -7.89 -2.99
CA ASN C 22 -3.25 -7.40 -3.83
C ASN C 22 -3.61 -7.50 -5.28
N CYS C 23 -3.26 -6.48 -6.09
CA CYS C 23 -3.67 -6.45 -7.51
C CYS C 23 -3.01 -7.56 -8.41
N GLY C 24 -1.78 -7.90 -8.06
CA GLY C 24 -0.99 -8.87 -8.83
C GLY C 24 -0.15 -8.35 -9.96
N ALA C 25 -0.34 -7.08 -10.35
CA ALA C 25 0.22 -6.50 -11.62
C ALA C 25 1.15 -5.31 -11.51
N CYS C 26 1.14 -4.63 -10.34
CA CYS C 26 2.03 -3.45 -10.10
C CYS C 26 3.40 -3.90 -9.76
N THR C 27 4.34 -2.95 -9.72
CA THR C 27 5.71 -3.21 -9.30
C THR C 27 5.82 -3.91 -7.99
N SER C 28 4.97 -3.53 -6.99
CA SER C 28 5.03 -4.15 -5.74
C SER C 28 4.69 -5.60 -5.82
N CYS C 29 3.58 -5.89 -6.50
CA CYS C 29 3.01 -7.20 -6.55
C CYS C 29 3.86 -8.10 -7.40
N THR C 30 4.49 -7.57 -8.44
CA THR C 30 5.32 -8.45 -9.31
C THR C 30 6.77 -8.50 -8.93
N ASN C 31 7.25 -7.50 -8.21
CA ASN C 31 8.64 -7.38 -7.90
C ASN C 31 8.72 -7.35 -6.44
N ARG C 32 8.80 -8.55 -5.88
CA ARG C 32 8.83 -8.70 -4.44
C ARG C 32 10.15 -8.13 -3.82
N ARG C 33 11.22 -7.97 -4.65
CA ARG C 33 12.47 -7.20 -4.29
C ARG C 33 12.24 -5.76 -3.73
N THR C 34 11.11 -5.16 -4.06
CA THR C 34 10.78 -3.81 -3.61
C THR C 34 10.37 -3.77 -2.12
N HIS C 35 9.90 -4.88 -1.58
CA HIS C 35 9.33 -4.95 -0.21
C HIS C 35 8.18 -3.97 0.03
N GLN C 36 7.45 -3.63 -1.03
CA GLN C 36 6.34 -2.67 -0.90
C GLN C 36 4.95 -3.29 -0.91
N ILE C 37 3.99 -2.58 -0.33
CA ILE C 37 2.64 -2.94 -0.42
C ILE C 37 2.14 -2.72 -1.83
N CYS C 38 1.19 -3.55 -2.27
CA CYS C 38 0.46 -3.28 -3.54
C CYS C 38 0.16 -1.79 -3.73
N LYS C 39 0.48 -1.21 -4.89
CA LYS C 39 0.30 0.22 -5.17
C LYS C 39 -1.15 0.70 -4.95
N LEU C 40 -2.11 -0.19 -5.16
CA LEU C 40 -3.53 0.16 -5.02
C LEU C 40 -3.98 0.11 -3.55
N ARG C 41 -3.13 -0.42 -2.70
CA ARG C 41 -3.40 -0.60 -1.27
C ARG C 41 -2.61 0.38 -0.40
N LYS C 42 -1.60 1.07 -0.96
CA LYS C 42 -0.82 2.06 -0.22
C LYS C 42 -1.67 3.15 0.40
N CYS C 43 -1.51 3.34 1.72
CA CYS C 43 -2.32 4.24 2.50
C CYS C 43 -2.12 5.67 2.00
N GLU C 44 -3.21 6.41 1.83
CA GLU C 44 -3.09 7.83 1.29
C GLU C 44 -2.30 8.72 2.25
N VAL C 45 -2.41 8.42 3.55
CA VAL C 45 -1.72 9.22 4.58
C VAL C 45 -0.20 8.99 4.49
N LEU C 46 0.19 7.73 4.31
CA LEU C 46 1.59 7.33 4.24
C LEU C 46 2.29 7.80 2.96
N LYS C 47 1.52 8.17 1.94
CA LYS C 47 2.12 8.69 0.71
C LYS C 47 2.67 10.09 0.91
N LYS C 48 2.16 10.80 1.90
CA LYS C 48 2.71 12.09 2.30
C LYS C 48 3.83 11.87 3.32
N LYS C 49 5.02 12.41 2.98
CA LYS C 49 6.16 12.53 3.87
C LYS C 49 5.77 13.31 5.19
N VAL C 50 6.38 12.87 6.30
CA VAL C 50 6.24 13.47 7.63
C VAL C 50 6.55 14.99 7.66
#